data_3I7J
#
_entry.id   3I7J
#
_cell.length_a   65.097
_cell.length_b   97.834
_cell.length_c   114.807
_cell.angle_alpha   90.000
_cell.angle_beta   90.000
_cell.angle_gamma   90.000
#
_symmetry.space_group_name_H-M   'P 21 21 21'
#
loop_
_entity.id
_entity.type
_entity.pdbx_description
1 polymer 'beta-lactamase Mb2281c'
2 water water
#
_entity_poly.entity_id   1
_entity_poly.type   'polypeptide(L)'
_entity_poly.pdbx_seq_one_letter_code
;(MSE)TALEVLGGWPVPAAAAAVIGPAGVLATHGDTARVFALASVTKPLVARAAQVAVEEGVVNLDTPAGPPGSTVRHLL
AHTSGLA(MSE)HSDQALARPGTRR(MSE)YSNYGFTVLAESVQRESGIEFGRYLTEAVCEPLG(MSE)VTTRLDGGPAA
AGFGATSTVADLAVFAGDLLRPSTVSAQ(MSE)HADATTVQFPGLDGVLPGYGVQRPNDWGLGFEIRNSKSPHWTGECNS
TRTFGHFGQSGGFIWVDPKADLALVVLTARDFGDWALDLWPAISDAVLAEYTLEHHHHHH
;
_entity_poly.pdbx_strand_id   A,B
#
# COMPACT_ATOMS: atom_id res chain seq x y z
N THR A 2 -3.52 28.89 2.85
CA THR A 2 -3.32 28.92 4.33
C THR A 2 -2.50 27.71 4.78
N ALA A 3 -2.73 26.56 4.16
CA ALA A 3 -2.01 25.35 4.53
C ALA A 3 -0.50 25.50 4.44
N LEU A 4 0.00 26.13 3.38
CA LEU A 4 1.42 26.30 3.22
C LEU A 4 2.05 27.23 4.26
N GLU A 5 1.24 27.99 4.98
CA GLU A 5 1.78 28.90 5.97
C GLU A 5 2.45 28.15 7.12
N VAL A 6 2.05 26.90 7.34
CA VAL A 6 2.65 26.12 8.41
C VAL A 6 4.17 26.03 8.24
N LEU A 7 4.66 26.34 7.04
CA LEU A 7 6.09 26.29 6.78
C LEU A 7 6.87 27.28 7.64
N GLY A 8 6.24 28.41 7.95
CA GLY A 8 6.89 29.42 8.77
C GLY A 8 7.26 28.91 10.15
N GLY A 9 6.55 27.88 10.61
CA GLY A 9 6.84 27.33 11.92
C GLY A 9 7.69 26.08 11.88
N TRP A 10 8.15 25.71 10.68
CA TRP A 10 8.99 24.52 10.54
C TRP A 10 10.40 24.75 11.03
N PRO A 11 10.99 23.74 11.68
CA PRO A 11 12.36 23.83 12.20
C PRO A 11 13.40 23.63 11.10
N VAL A 12 13.38 24.50 10.10
CA VAL A 12 14.32 24.41 8.98
C VAL A 12 14.89 25.80 8.69
N PRO A 13 16.13 25.86 8.18
CA PRO A 13 16.78 27.14 7.86
C PRO A 13 16.04 27.95 6.79
N ALA A 14 15.33 27.24 5.92
CA ALA A 14 14.57 27.86 4.84
C ALA A 14 13.71 26.82 4.12
N ALA A 15 12.58 27.26 3.60
CA ALA A 15 11.67 26.37 2.89
C ALA A 15 10.83 27.15 1.89
N ALA A 16 10.31 26.43 0.90
CA ALA A 16 9.45 27.02 -0.13
C ALA A 16 8.53 25.91 -0.62
N ALA A 17 7.31 26.27 -1.00
CA ALA A 17 6.37 25.27 -1.46
C ALA A 17 5.34 25.84 -2.41
N ALA A 18 4.65 24.93 -3.10
CA ALA A 18 3.62 25.31 -4.04
C ALA A 18 2.60 24.20 -4.22
N VAL A 19 1.34 24.59 -4.35
CA VAL A 19 0.26 23.64 -4.59
C VAL A 19 -0.06 23.88 -6.06
N ILE A 20 -0.10 22.80 -6.82
CA ILE A 20 -0.38 22.88 -8.26
C ILE A 20 -1.63 22.09 -8.62
N GLY A 21 -2.43 22.65 -9.52
CA GLY A 21 -3.63 22.00 -9.98
C GLY A 21 -3.50 22.00 -11.50
N PRO A 22 -4.42 21.33 -12.21
CA PRO A 22 -4.35 21.29 -13.68
C PRO A 22 -4.38 22.67 -14.35
N ALA A 23 -4.91 23.66 -13.64
CA ALA A 23 -5.01 25.02 -14.16
C ALA A 23 -3.78 25.86 -13.84
N GLY A 24 -2.96 25.40 -12.90
CA GLY A 24 -1.77 26.15 -12.55
C GLY A 24 -1.47 26.12 -11.06
N VAL A 25 -0.60 27.03 -10.64
CA VAL A 25 -0.23 27.12 -9.23
C VAL A 25 -1.38 27.73 -8.44
N LEU A 26 -1.84 27.00 -7.42
CA LEU A 26 -2.95 27.44 -6.59
C LEU A 26 -2.50 28.21 -5.35
N ALA A 27 -1.25 28.03 -4.94
CA ALA A 27 -0.72 28.71 -3.78
C ALA A 27 0.78 28.46 -3.67
N THR A 28 1.49 29.40 -3.05
CA THR A 28 2.93 29.24 -2.86
C THR A 28 3.29 29.82 -1.51
N HIS A 29 4.53 29.58 -1.10
CA HIS A 29 5.03 30.10 0.15
C HIS A 29 6.55 30.06 0.05
N GLY A 30 7.21 31.06 0.60
CA GLY A 30 8.66 31.09 0.57
C GLY A 30 9.19 31.61 -0.76
N ASP A 31 10.50 31.52 -0.96
CA ASP A 31 11.09 32.00 -2.21
C ASP A 31 11.11 30.88 -3.26
N THR A 32 10.15 30.93 -4.17
CA THR A 32 10.02 29.93 -5.22
C THR A 32 11.12 30.04 -6.29
N ALA A 33 11.96 31.06 -6.17
CA ALA A 33 13.05 31.27 -7.11
C ALA A 33 14.37 30.77 -6.50
N ARG A 34 14.35 30.47 -5.21
CA ARG A 34 15.54 29.98 -4.52
C ARG A 34 15.94 28.57 -4.95
N VAL A 35 17.22 28.38 -5.26
CA VAL A 35 17.74 27.08 -5.68
C VAL A 35 17.97 26.13 -4.51
N PHE A 36 17.49 24.90 -4.65
CA PHE A 36 17.63 23.88 -3.60
C PHE A 36 18.24 22.59 -4.15
N ALA A 37 18.97 21.86 -3.32
CA ALA A 37 19.52 20.58 -3.77
C ALA A 37 18.31 19.66 -3.71
N LEU A 38 18.11 18.84 -4.74
CA LEU A 38 16.95 17.97 -4.76
C LEU A 38 17.17 16.56 -4.25
N ALA A 39 18.43 16.15 -4.22
CA ALA A 39 18.76 14.78 -3.79
C ALA A 39 17.91 13.85 -4.66
N SER A 40 17.28 12.85 -4.06
CA SER A 40 16.45 11.91 -4.82
C SER A 40 15.23 12.47 -5.53
N VAL A 41 14.93 13.74 -5.31
CA VAL A 41 13.80 14.32 -6.00
C VAL A 41 14.30 14.49 -7.45
N THR A 42 15.58 14.16 -7.64
CA THR A 42 16.20 14.21 -8.96
C THR A 42 15.61 13.10 -9.81
N LYS A 43 15.36 11.95 -9.20
CA LYS A 43 14.86 10.79 -9.92
C LYS A 43 13.67 11.00 -10.83
N PRO A 44 12.62 11.71 -10.37
CA PRO A 44 11.47 11.91 -11.25
C PRO A 44 11.87 12.66 -12.53
N LEU A 45 12.84 13.55 -12.42
CA LEU A 45 13.30 14.31 -13.58
C LEU A 45 14.01 13.39 -14.56
N VAL A 46 14.91 12.56 -14.03
CA VAL A 46 15.66 11.63 -14.87
C VAL A 46 14.70 10.59 -15.46
N ALA A 47 13.75 10.15 -14.65
CA ALA A 47 12.77 9.17 -15.11
C ALA A 47 11.96 9.72 -16.29
N ARG A 48 11.56 10.99 -16.20
CA ARG A 48 10.79 11.58 -17.28
C ARG A 48 11.64 11.70 -18.53
N ALA A 49 12.92 11.95 -18.34
CA ALA A 49 13.85 12.05 -19.46
C ALA A 49 13.98 10.68 -20.12
N ALA A 50 14.04 9.62 -19.31
CA ALA A 50 14.14 8.25 -19.84
C ALA A 50 12.85 7.85 -20.55
N GLN A 51 11.72 8.40 -20.09
CA GLN A 51 10.44 8.13 -20.69
C GLN A 51 10.37 8.80 -22.06
N VAL A 52 10.89 10.01 -22.16
CA VAL A 52 10.91 10.73 -23.43
C VAL A 52 11.80 9.94 -24.41
N ALA A 53 12.92 9.42 -23.91
CA ALA A 53 13.85 8.66 -24.76
C ALA A 53 13.19 7.41 -25.35
N VAL A 54 12.34 6.76 -24.56
CA VAL A 54 11.65 5.58 -25.05
C VAL A 54 10.73 6.01 -26.19
N GLU A 55 10.02 7.12 -26.00
CA GLU A 55 9.12 7.61 -27.05
C GLU A 55 9.85 8.08 -28.30
N GLU A 56 11.09 8.54 -28.16
CA GLU A 56 11.88 8.99 -29.31
C GLU A 56 12.37 7.74 -30.05
N GLY A 57 12.39 6.61 -29.35
CA GLY A 57 12.87 5.38 -29.96
C GLY A 57 14.33 5.13 -29.63
N VAL A 58 14.95 6.05 -28.90
CA VAL A 58 16.36 5.92 -28.51
C VAL A 58 16.58 4.58 -27.82
N VAL A 59 15.65 4.21 -26.95
CA VAL A 59 15.70 2.94 -26.25
C VAL A 59 14.28 2.47 -26.08
N ASN A 60 14.13 1.25 -25.63
CA ASN A 60 12.81 0.68 -25.37
C ASN A 60 12.84 0.33 -23.90
N LEU A 61 11.67 0.08 -23.33
CA LEU A 61 11.57 -0.28 -21.94
C LEU A 61 12.19 -1.67 -21.75
N ASP A 62 12.09 -2.52 -22.78
CA ASP A 62 12.64 -3.86 -22.69
C ASP A 62 14.10 -3.93 -23.17
N THR A 63 14.66 -2.78 -23.54
CA THR A 63 16.04 -2.72 -23.98
C THR A 63 16.96 -3.19 -22.85
N PRO A 64 17.83 -4.18 -23.11
CA PRO A 64 18.76 -4.68 -22.09
C PRO A 64 19.66 -3.57 -21.54
N ALA A 65 19.73 -3.48 -20.22
CA ALA A 65 20.55 -2.48 -19.55
C ALA A 65 20.76 -2.93 -18.10
N GLY A 66 22.02 -2.92 -17.64
CA GLY A 66 22.31 -3.34 -16.29
C GLY A 66 22.74 -4.80 -16.28
N PRO A 67 22.58 -5.52 -15.16
CA PRO A 67 22.98 -6.94 -15.08
C PRO A 67 22.24 -7.78 -16.12
N PRO A 68 22.78 -8.97 -16.44
CA PRO A 68 22.16 -9.87 -17.41
C PRO A 68 20.70 -10.12 -17.02
N GLY A 69 19.79 -9.91 -17.96
CA GLY A 69 18.38 -10.12 -17.70
C GLY A 69 17.70 -8.83 -17.24
N SER A 70 18.47 -7.76 -17.09
CA SER A 70 17.89 -6.49 -16.65
C SER A 70 17.63 -5.61 -17.88
N THR A 71 16.64 -4.73 -17.79
CA THR A 71 16.28 -3.83 -18.89
C THR A 71 16.08 -2.40 -18.37
N VAL A 72 15.81 -1.47 -19.28
CA VAL A 72 15.57 -0.10 -18.91
C VAL A 72 14.43 -0.05 -17.89
N ARG A 73 13.37 -0.85 -18.10
CA ARG A 73 12.24 -0.88 -17.17
C ARG A 73 12.63 -1.31 -15.76
N HIS A 74 13.56 -2.27 -15.64
CA HIS A 74 14.01 -2.72 -14.32
C HIS A 74 14.77 -1.61 -13.62
N LEU A 75 15.55 -0.85 -14.39
CA LEU A 75 16.32 0.24 -13.81
C LEU A 75 15.40 1.33 -13.28
N LEU A 76 14.39 1.68 -14.06
CA LEU A 76 13.43 2.71 -13.67
C LEU A 76 12.60 2.33 -12.45
N ALA A 77 12.28 1.04 -12.33
CA ALA A 77 11.46 0.53 -11.23
C ALA A 77 12.26 -0.06 -10.06
N HIS A 78 13.58 0.05 -10.12
CA HIS A 78 14.43 -0.47 -9.05
C HIS A 78 14.29 -1.98 -8.84
N THR A 79 14.27 -2.74 -9.94
CA THR A 79 14.17 -4.19 -9.84
C THR A 79 15.31 -4.89 -10.58
N SER A 80 16.35 -4.14 -10.94
CA SER A 80 17.47 -4.73 -11.68
C SER A 80 18.33 -5.67 -10.84
N GLY A 81 18.14 -5.69 -9.52
CA GLY A 81 18.92 -6.56 -8.67
C GLY A 81 20.25 -5.92 -8.34
N LEU A 82 20.42 -4.69 -8.82
CA LEU A 82 21.64 -3.93 -8.64
C LEU A 82 21.71 -3.35 -7.22
N ALA A 83 22.94 -3.20 -6.73
CA ALA A 83 23.18 -2.67 -5.41
C ALA A 83 22.76 -1.20 -5.35
N HIS A 85 24.57 1.54 -4.20
CA HIS A 85 25.58 2.51 -4.63
C HIS A 85 26.58 2.08 -5.70
N SER A 86 26.78 0.78 -5.87
CA SER A 86 27.74 0.31 -6.86
C SER A 86 27.20 -0.72 -7.82
N ASP A 87 28.01 -1.02 -8.83
CA ASP A 87 27.69 -1.99 -9.86
C ASP A 87 27.79 -3.40 -9.32
N GLN A 88 27.21 -3.62 -8.15
CA GLN A 88 27.22 -4.93 -7.53
C GLN A 88 25.85 -5.56 -7.70
N ALA A 89 25.81 -6.75 -8.29
CA ALA A 89 24.56 -7.45 -8.50
C ALA A 89 24.24 -8.29 -7.27
N LEU A 90 23.22 -7.87 -6.52
CA LEU A 90 22.83 -8.56 -5.30
C LEU A 90 21.63 -9.48 -5.44
N ALA A 91 20.94 -9.40 -6.58
CA ALA A 91 19.76 -10.25 -6.81
C ALA A 91 19.47 -10.41 -8.29
N ARG A 92 18.59 -11.37 -8.60
CA ARG A 92 18.19 -11.64 -9.98
C ARG A 92 17.15 -10.61 -10.40
N PRO A 93 17.35 -9.99 -11.57
CA PRO A 93 16.42 -8.98 -12.09
C PRO A 93 14.94 -9.36 -11.95
N GLY A 94 14.12 -8.43 -11.47
CA GLY A 94 12.70 -8.70 -11.33
C GLY A 94 12.23 -9.49 -10.12
N THR A 95 13.16 -10.02 -9.34
CA THR A 95 12.80 -10.81 -8.17
C THR A 95 12.66 -9.94 -6.94
N ARG A 96 13.50 -8.91 -6.82
CA ARG A 96 13.43 -8.04 -5.67
C ARG A 96 13.33 -6.56 -6.02
N ARG A 97 12.73 -5.82 -5.11
CA ARG A 97 12.60 -4.39 -5.28
C ARG A 97 13.54 -3.72 -4.30
N TYR A 99 15.59 -0.07 -3.84
CA TYR A 99 15.90 1.28 -4.25
C TYR A 99 17.38 1.36 -4.59
N SER A 100 17.71 1.97 -5.73
CA SER A 100 19.11 2.06 -6.13
C SER A 100 19.51 3.34 -6.86
N ASN A 101 20.59 3.96 -6.39
CA ASN A 101 21.11 5.16 -7.05
C ASN A 101 21.88 4.70 -8.28
N TYR A 102 22.72 3.68 -8.13
CA TYR A 102 23.52 3.21 -9.25
C TYR A 102 22.64 2.70 -10.39
N GLY A 103 21.45 2.22 -10.05
CA GLY A 103 20.52 1.77 -11.07
C GLY A 103 20.18 2.92 -11.99
N PHE A 104 20.09 4.13 -11.44
CA PHE A 104 19.77 5.29 -12.26
C PHE A 104 20.99 5.77 -13.04
N THR A 105 22.20 5.47 -12.57
CA THR A 105 23.38 5.88 -13.31
C THR A 105 23.48 5.00 -14.54
N VAL A 106 23.18 3.70 -14.41
CA VAL A 106 23.22 2.81 -15.56
C VAL A 106 22.16 3.25 -16.56
N LEU A 107 21.03 3.73 -16.04
CA LEU A 107 19.92 4.22 -16.85
C LEU A 107 20.38 5.44 -17.65
N ALA A 108 20.95 6.42 -16.95
CA ALA A 108 21.43 7.63 -17.59
C ALA A 108 22.51 7.28 -18.62
N GLU A 109 23.36 6.30 -18.29
CA GLU A 109 24.43 5.89 -19.20
C GLU A 109 23.88 5.30 -20.49
N SER A 110 22.80 4.52 -20.37
CA SER A 110 22.20 3.91 -21.55
C SER A 110 21.60 4.98 -22.46
N VAL A 111 20.81 5.88 -21.89
CA VAL A 111 20.19 6.95 -22.67
C VAL A 111 21.28 7.79 -23.34
N GLN A 112 22.34 8.08 -22.59
CA GLN A 112 23.46 8.86 -23.11
C GLN A 112 24.15 8.19 -24.31
N ARG A 113 24.49 6.91 -24.15
CA ARG A 113 25.15 6.15 -25.20
C ARG A 113 24.28 5.97 -26.44
N GLU A 114 23.05 5.54 -26.24
CA GLU A 114 22.13 5.30 -27.35
C GLU A 114 21.65 6.56 -28.08
N SER A 115 21.62 7.69 -27.39
CA SER A 115 21.16 8.93 -27.97
C SER A 115 22.30 9.76 -28.53
N GLY A 116 23.51 9.51 -28.03
CA GLY A 116 24.66 10.27 -28.47
C GLY A 116 24.73 11.64 -27.82
N ILE A 117 23.91 11.86 -26.80
CA ILE A 117 23.89 13.15 -26.10
C ILE A 117 24.26 13.02 -24.62
N GLU A 118 25.10 13.92 -24.14
CA GLU A 118 25.50 13.88 -22.72
C GLU A 118 24.22 13.94 -21.89
N PHE A 119 24.09 13.02 -20.95
CA PHE A 119 22.85 12.96 -20.17
C PHE A 119 22.34 14.25 -19.56
N GLY A 120 23.22 15.04 -18.96
CA GLY A 120 22.78 16.30 -18.37
C GLY A 120 22.13 17.16 -19.44
N ARG A 121 22.76 17.20 -20.62
CA ARG A 121 22.24 17.98 -21.73
C ARG A 121 20.97 17.33 -22.29
N TYR A 122 20.90 16.01 -22.24
CA TYR A 122 19.73 15.31 -22.74
C TYR A 122 18.53 15.66 -21.86
N LEU A 123 18.75 15.68 -20.55
CA LEU A 123 17.67 16.01 -19.60
C LEU A 123 17.09 17.38 -19.91
N THR A 124 17.98 18.35 -20.13
CA THR A 124 17.59 19.72 -20.42
C THR A 124 16.75 19.82 -21.69
N GLU A 125 17.24 19.25 -22.78
CA GLU A 125 16.55 19.31 -24.06
C GLU A 125 15.27 18.47 -24.13
N ALA A 126 15.20 17.40 -23.35
CA ALA A 126 14.01 16.55 -23.42
C ALA A 126 12.93 16.89 -22.41
N VAL A 127 13.32 17.52 -21.30
CA VAL A 127 12.38 17.83 -20.24
C VAL A 127 12.33 19.28 -19.78
N CYS A 128 13.46 19.77 -19.27
CA CYS A 128 13.53 21.12 -18.74
C CYS A 128 13.27 22.25 -19.75
N GLU A 129 13.96 22.23 -20.87
CA GLU A 129 13.81 23.25 -21.90
C GLU A 129 12.36 23.29 -22.43
N PRO A 130 11.78 22.13 -22.77
CA PRO A 130 10.39 22.16 -23.28
C PRO A 130 9.38 22.72 -22.29
N LEU A 131 9.63 22.55 -20.99
CA LEU A 131 8.72 23.04 -19.97
C LEU A 131 9.10 24.41 -19.41
N GLY A 132 10.19 24.99 -19.91
CA GLY A 132 10.62 26.29 -19.43
C GLY A 132 11.34 26.28 -18.08
N VAL A 134 14.21 26.81 -16.65
CA VAL A 134 15.53 27.40 -16.86
C VAL A 134 16.45 27.52 -15.64
N THR A 135 16.01 27.00 -14.50
CA THR A 135 16.86 27.05 -13.31
C THR A 135 16.97 25.65 -12.71
N THR A 136 16.90 24.66 -13.60
CA THR A 136 17.01 23.27 -13.21
C THR A 136 18.19 22.65 -13.95
N ARG A 137 19.06 21.96 -13.22
CA ARG A 137 20.20 21.34 -13.89
C ARG A 137 20.74 20.14 -13.15
N LEU A 138 21.44 19.29 -13.89
CA LEU A 138 22.04 18.09 -13.36
C LEU A 138 23.50 18.05 -13.81
N ASP A 139 24.41 18.36 -12.90
CA ASP A 139 25.83 18.33 -13.20
C ASP A 139 26.41 17.07 -12.58
N GLY A 140 27.48 16.54 -13.16
CA GLY A 140 28.08 15.34 -12.60
C GLY A 140 27.95 14.13 -13.49
N GLY A 141 27.13 14.25 -14.53
CA GLY A 141 26.95 13.14 -15.44
C GLY A 141 26.10 12.03 -14.87
N PRO A 142 26.01 10.90 -15.57
CA PRO A 142 25.20 9.77 -15.08
C PRO A 142 25.52 9.30 -13.66
N ALA A 143 26.73 9.60 -13.19
CA ALA A 143 27.11 9.19 -11.84
C ALA A 143 26.22 9.86 -10.79
N ALA A 144 25.65 11.00 -11.14
CA ALA A 144 24.79 11.72 -10.20
C ALA A 144 23.33 11.74 -10.64
N ALA A 145 23.00 10.89 -11.61
CA ALA A 145 21.64 10.80 -12.14
C ALA A 145 20.60 10.46 -11.09
N GLY A 146 21.04 9.93 -9.96
CA GLY A 146 20.08 9.59 -8.93
C GLY A 146 19.90 10.61 -7.82
N PHE A 147 20.67 11.69 -7.81
CA PHE A 147 20.57 12.65 -6.72
C PHE A 147 21.24 14.01 -6.90
N GLY A 148 21.85 14.24 -8.06
CA GLY A 148 22.56 15.48 -8.26
C GLY A 148 21.86 16.68 -8.86
N ALA A 149 20.55 16.58 -9.08
CA ALA A 149 19.84 17.71 -9.66
C ALA A 149 19.61 18.85 -8.68
N THR A 150 19.55 20.05 -9.24
CA THR A 150 19.33 21.28 -8.51
C THR A 150 18.15 21.96 -9.20
N SER A 151 17.24 22.57 -8.44
CA SER A 151 16.08 23.22 -9.03
C SER A 151 15.41 24.19 -8.04
N THR A 152 14.29 24.77 -8.48
CA THR A 152 13.53 25.73 -7.70
C THR A 152 12.08 25.28 -7.58
N VAL A 153 11.33 25.82 -6.63
CA VAL A 153 9.94 25.42 -6.50
C VAL A 153 9.16 25.82 -7.74
N ALA A 154 9.51 26.96 -8.34
CA ALA A 154 8.83 27.44 -9.55
C ALA A 154 9.00 26.45 -10.69
N ASP A 155 10.23 25.96 -10.89
CA ASP A 155 10.52 25.00 -11.94
C ASP A 155 9.82 23.66 -11.63
N LEU A 156 9.88 23.24 -10.38
CA LEU A 156 9.24 21.97 -10.02
C LEU A 156 7.73 22.08 -10.13
N ALA A 157 7.21 23.29 -9.93
CA ALA A 157 5.77 23.54 -10.03
C ALA A 157 5.33 23.27 -11.47
N VAL A 158 6.13 23.73 -12.41
CA VAL A 158 5.88 23.54 -13.83
C VAL A 158 5.95 22.03 -14.12
N PHE A 159 6.94 21.37 -13.53
CA PHE A 159 7.12 19.93 -13.73
C PHE A 159 5.89 19.20 -13.23
N ALA A 160 5.43 19.56 -12.03
CA ALA A 160 4.24 18.93 -11.45
C ALA A 160 3.05 19.09 -12.42
N GLY A 161 3.06 20.17 -13.18
CA GLY A 161 1.99 20.39 -14.14
C GLY A 161 2.02 19.32 -15.22
N ASP A 162 3.23 18.94 -15.63
CA ASP A 162 3.40 17.92 -16.65
C ASP A 162 2.99 16.56 -16.10
N LEU A 163 3.14 16.38 -14.79
CA LEU A 163 2.77 15.11 -14.16
C LEU A 163 1.27 14.99 -13.95
N LEU A 164 0.59 16.14 -13.97
CA LEU A 164 -0.85 16.21 -13.77
C LEU A 164 -1.57 16.06 -15.12
N ARG A 165 -1.01 16.73 -16.13
CA ARG A 165 -1.51 16.72 -17.51
C ARG A 165 -0.27 16.53 -18.39
N PRO A 166 0.11 15.28 -18.67
CA PRO A 166 1.28 14.98 -19.50
C PRO A 166 1.40 15.70 -20.83
N SER A 167 2.55 16.30 -21.07
CA SER A 167 2.80 16.98 -22.32
C SER A 167 4.14 16.55 -22.89
N THR A 168 5.11 16.39 -22.01
CA THR A 168 6.45 15.97 -22.39
C THR A 168 6.47 14.53 -22.90
N VAL A 169 5.44 13.77 -22.54
CA VAL A 169 5.28 12.38 -22.98
C VAL A 169 3.79 12.17 -23.29
N SER A 170 3.48 11.08 -23.98
CA SER A 170 2.10 10.77 -24.32
C SER A 170 1.31 10.36 -23.10
N ALA A 171 -0.01 10.51 -23.18
CA ALA A 171 -0.88 10.12 -22.10
C ALA A 171 -0.69 8.65 -21.75
N GLN A 172 -0.40 7.82 -22.76
CA GLN A 172 -0.20 6.39 -22.54
C GLN A 172 1.08 6.09 -21.78
N HIS A 174 2.61 8.16 -19.76
CA HIS A 174 2.42 8.66 -18.41
C HIS A 174 1.54 7.73 -17.57
N ALA A 175 0.54 7.14 -18.22
CA ALA A 175 -0.34 6.21 -17.53
C ALA A 175 0.51 5.00 -17.12
N ASP A 176 1.37 4.57 -18.03
CA ASP A 176 2.23 3.42 -17.79
C ASP A 176 3.26 3.74 -16.69
N ALA A 177 3.85 4.93 -16.76
CA ALA A 177 4.84 5.36 -15.80
C ALA A 177 4.24 5.50 -14.40
N THR A 178 2.94 5.76 -14.32
CA THR A 178 2.29 5.91 -13.02
C THR A 178 1.57 4.63 -12.58
N THR A 179 1.90 3.52 -13.24
CA THR A 179 1.32 2.22 -12.90
C THR A 179 2.42 1.38 -12.28
N VAL A 180 2.06 0.59 -11.28
CA VAL A 180 3.04 -0.25 -10.63
C VAL A 180 3.69 -1.23 -11.60
N GLN A 181 5.01 -1.20 -11.60
CA GLN A 181 5.84 -2.03 -12.46
C GLN A 181 6.41 -3.15 -11.57
N PHE A 182 6.29 -4.39 -12.03
CA PHE A 182 6.77 -5.53 -11.23
C PHE A 182 6.02 -5.51 -9.89
N PRO A 183 4.69 -5.67 -9.93
CA PRO A 183 3.84 -5.67 -8.73
C PRO A 183 4.10 -6.87 -7.84
N GLY A 184 3.76 -6.74 -6.56
CA GLY A 184 3.92 -7.83 -5.63
C GLY A 184 5.24 -7.86 -4.89
N LEU A 185 6.17 -6.99 -5.28
CA LEU A 185 7.47 -6.96 -4.64
C LEU A 185 7.51 -6.13 -3.35
N ASP A 186 8.08 -6.72 -2.30
CA ASP A 186 8.22 -6.08 -1.00
C ASP A 186 9.59 -5.47 -0.86
N GLY A 187 9.75 -4.57 0.10
CA GLY A 187 11.05 -3.95 0.29
C GLY A 187 11.03 -2.72 1.16
N VAL A 188 12.20 -2.19 1.44
CA VAL A 188 12.27 -1.01 2.28
C VAL A 188 12.27 0.28 1.47
N LEU A 189 11.58 1.27 2.02
CA LEU A 189 11.53 2.58 1.42
C LEU A 189 12.43 3.37 2.36
N PRO A 190 13.65 3.71 1.91
CA PRO A 190 14.62 4.45 2.73
C PRO A 190 13.94 5.51 3.59
N GLY A 191 14.14 5.42 4.90
CA GLY A 191 13.55 6.39 5.81
C GLY A 191 12.20 5.94 6.37
N TYR A 192 11.58 4.96 5.72
CA TYR A 192 10.29 4.47 6.20
C TYR A 192 10.23 2.96 6.42
N GLY A 193 11.39 2.32 6.38
CA GLY A 193 11.46 0.88 6.60
C GLY A 193 10.76 -0.01 5.58
N VAL A 194 10.69 -1.29 5.91
CA VAL A 194 10.06 -2.29 5.04
C VAL A 194 8.62 -1.91 4.71
N GLN A 195 8.24 -2.13 3.46
CA GLN A 195 6.88 -1.85 3.00
C GLN A 195 6.41 -3.05 2.20
N ARG A 196 5.18 -3.50 2.46
CA ARG A 196 4.61 -4.66 1.78
C ARG A 196 3.26 -4.32 1.16
N PRO A 197 3.22 -4.05 -0.15
CA PRO A 197 4.38 -4.03 -1.04
C PRO A 197 5.01 -2.65 -1.14
N ASN A 198 6.18 -2.57 -1.75
CA ASN A 198 6.87 -1.28 -1.92
C ASN A 198 6.76 -0.93 -3.41
N ASP A 199 5.55 -0.55 -3.81
CA ASP A 199 5.24 -0.22 -5.21
C ASP A 199 6.03 0.93 -5.81
N TRP A 200 6.41 0.75 -7.06
CA TRP A 200 7.14 1.77 -7.78
C TRP A 200 6.66 1.78 -9.23
N GLY A 201 6.69 2.95 -9.85
CA GLY A 201 6.27 3.07 -11.24
C GLY A 201 7.52 3.12 -12.08
N LEU A 202 7.50 3.88 -13.18
CA LEU A 202 8.68 4.00 -14.03
C LEU A 202 9.53 5.17 -13.60
N GLY A 203 10.15 5.06 -12.43
CA GLY A 203 11.00 6.14 -11.95
C GLY A 203 10.32 6.97 -10.88
N PHE A 204 9.00 6.84 -10.79
CA PHE A 204 8.22 7.58 -9.81
C PHE A 204 7.78 6.60 -8.71
N GLU A 205 7.92 7.00 -7.44
CA GLU A 205 7.48 6.10 -6.38
C GLU A 205 5.95 6.19 -6.38
N ILE A 206 5.30 5.08 -6.02
CA ILE A 206 3.85 5.04 -5.93
C ILE A 206 3.52 4.74 -4.46
N ARG A 207 2.66 5.57 -3.88
CA ARG A 207 2.28 5.46 -2.48
C ARG A 207 1.58 4.17 -2.10
N ASN A 208 0.55 3.84 -2.87
CA ASN A 208 -0.26 2.67 -2.60
C ASN A 208 -0.81 2.92 -1.21
N SER A 209 -0.56 2.03 -0.26
CA SER A 209 -1.04 2.22 1.10
C SER A 209 0.09 2.04 2.11
N LYS A 210 1.29 2.47 1.74
CA LYS A 210 2.48 2.37 2.59
C LYS A 210 2.27 3.14 3.89
N SER A 211 2.88 2.63 4.95
CA SER A 211 2.74 3.24 6.25
C SER A 211 3.83 2.74 7.17
N PRO A 212 4.55 3.66 7.84
CA PRO A 212 4.37 5.11 7.74
C PRO A 212 4.85 5.58 6.37
N HIS A 213 4.53 6.82 5.99
CA HIS A 213 4.92 7.35 4.69
C HIS A 213 5.13 8.86 4.75
N TRP A 214 5.71 9.44 3.71
CA TRP A 214 5.94 10.87 3.69
C TRP A 214 4.72 11.65 3.21
N THR A 215 3.81 11.00 2.49
CA THR A 215 2.61 11.67 2.02
C THR A 215 1.55 11.73 3.13
N GLY A 216 0.40 12.32 2.84
CA GLY A 216 -0.63 12.42 3.86
C GLY A 216 -1.48 11.16 3.98
N GLU A 217 -2.19 11.03 5.09
CA GLU A 217 -3.06 9.87 5.31
C GLU A 217 -4.24 9.91 4.36
N CYS A 218 -4.48 11.07 3.77
CA CYS A 218 -5.60 11.21 2.86
C CYS A 218 -5.22 11.15 1.38
N ASN A 219 -3.92 11.08 1.08
CA ASN A 219 -3.50 10.97 -0.30
C ASN A 219 -4.04 9.64 -0.81
N SER A 220 -4.45 9.58 -2.07
CA SER A 220 -4.99 8.34 -2.62
C SER A 220 -3.86 7.34 -2.86
N THR A 221 -4.21 6.07 -3.00
CA THR A 221 -3.21 5.03 -3.25
C THR A 221 -2.51 5.23 -4.59
N ARG A 222 -3.09 6.02 -5.48
CA ARG A 222 -2.48 6.28 -6.79
C ARG A 222 -1.47 7.44 -6.78
N THR A 223 -1.34 8.09 -5.63
CA THR A 223 -0.40 9.20 -5.47
C THR A 223 1.00 8.69 -5.84
N PHE A 224 1.76 9.50 -6.57
CA PHE A 224 3.12 9.13 -6.98
C PHE A 224 4.03 10.37 -6.91
N GLY A 225 5.34 10.15 -6.90
CA GLY A 225 6.27 11.24 -6.82
C GLY A 225 7.60 10.79 -6.24
N HIS A 226 8.15 11.56 -5.31
CA HIS A 226 9.44 11.18 -4.72
C HIS A 226 9.84 12.19 -3.66
N PHE A 227 10.63 11.76 -2.68
CA PHE A 227 11.14 12.69 -1.69
C PHE A 227 12.65 12.50 -1.71
N GLY A 228 13.38 13.40 -1.09
CA GLY A 228 14.83 13.30 -1.09
C GLY A 228 15.40 13.52 0.30
N GLN A 229 16.60 13.03 0.54
CA GLN A 229 17.26 13.17 1.83
C GLN A 229 17.67 14.60 2.12
N SER A 230 17.54 15.48 1.13
CA SER A 230 17.88 16.88 1.31
C SER A 230 16.70 17.64 1.92
N GLY A 231 15.65 16.90 2.25
CA GLY A 231 14.47 17.50 2.86
C GLY A 231 13.50 18.15 1.89
N GLY A 232 13.28 17.50 0.74
CA GLY A 232 12.36 18.03 -0.25
C GLY A 232 11.53 16.88 -0.81
N PHE A 233 10.39 17.18 -1.42
CA PHE A 233 9.57 16.14 -1.98
C PHE A 233 8.54 16.66 -2.98
N ILE A 234 7.97 15.73 -3.73
CA ILE A 234 6.94 16.07 -4.69
C ILE A 234 5.99 14.90 -4.82
N TRP A 235 4.70 15.19 -4.72
CA TRP A 235 3.71 14.16 -4.93
C TRP A 235 2.61 14.75 -5.78
N VAL A 236 2.01 13.87 -6.57
CA VAL A 236 0.93 14.21 -7.48
C VAL A 236 -0.15 13.21 -7.16
N ASP A 237 -1.35 13.68 -6.86
CA ASP A 237 -2.43 12.78 -6.53
C ASP A 237 -3.44 12.85 -7.68
N PRO A 238 -3.49 11.82 -8.54
CA PRO A 238 -4.41 11.78 -9.69
C PRO A 238 -5.88 11.78 -9.31
N LYS A 239 -6.19 11.31 -8.10
CA LYS A 239 -7.58 11.26 -7.65
C LYS A 239 -8.02 12.64 -7.21
N ALA A 240 -7.17 13.33 -6.46
CA ALA A 240 -7.49 14.66 -5.99
C ALA A 240 -7.18 15.64 -7.12
N ASP A 241 -6.39 15.17 -8.07
CA ASP A 241 -5.96 15.98 -9.22
C ASP A 241 -5.26 17.20 -8.62
N LEU A 242 -4.31 16.94 -7.73
CA LEU A 242 -3.55 18.00 -7.08
C LEU A 242 -2.09 17.57 -6.93
N ALA A 243 -1.18 18.55 -6.85
CA ALA A 243 0.24 18.27 -6.69
C ALA A 243 0.80 19.17 -5.61
N LEU A 244 1.79 18.67 -4.89
CA LEU A 244 2.42 19.46 -3.84
C LEU A 244 3.92 19.35 -3.95
N VAL A 245 4.59 20.49 -3.95
CA VAL A 245 6.03 20.53 -4.01
C VAL A 245 6.55 21.22 -2.75
N VAL A 246 7.47 20.57 -2.03
CA VAL A 246 8.05 21.17 -0.84
C VAL A 246 9.56 20.99 -0.85
N LEU A 247 10.28 22.10 -0.73
CA LEU A 247 11.74 22.10 -0.70
C LEU A 247 12.22 22.88 0.52
N THR A 248 13.08 22.25 1.32
CA THR A 248 13.63 22.87 2.52
C THR A 248 15.14 22.72 2.55
N ALA A 249 15.78 23.53 3.39
CA ALA A 249 17.23 23.52 3.54
C ALA A 249 17.67 22.69 4.74
N ARG A 250 16.92 21.64 5.04
CA ARG A 250 17.27 20.75 6.15
C ARG A 250 17.13 19.30 5.70
N ASP A 251 18.18 18.52 5.87
CA ASP A 251 18.15 17.13 5.47
C ASP A 251 17.04 16.37 6.17
N PHE A 252 16.50 15.37 5.47
CA PHE A 252 15.41 14.53 5.99
C PHE A 252 15.78 13.95 7.36
N GLY A 253 14.80 13.86 8.25
CA GLY A 253 15.04 13.31 9.57
C GLY A 253 13.74 13.12 10.33
N ASP A 254 13.80 12.84 11.63
CA ASP A 254 12.59 12.64 12.41
C ASP A 254 11.69 13.88 12.47
N TRP A 255 12.29 15.06 12.34
CA TRP A 255 11.53 16.31 12.38
C TRP A 255 10.42 16.36 11.32
N ALA A 256 10.66 15.70 10.19
CA ALA A 256 9.69 15.73 9.08
C ALA A 256 8.63 14.64 9.14
N LEU A 257 8.92 13.58 9.89
CA LEU A 257 8.00 12.44 10.00
C LEU A 257 6.52 12.77 10.21
N ASP A 258 6.21 13.78 11.00
CA ASP A 258 4.82 14.15 11.21
C ASP A 258 4.41 15.37 10.41
N LEU A 259 5.34 16.29 10.19
CA LEU A 259 5.06 17.51 9.45
C LEU A 259 4.70 17.28 7.99
N TRP A 260 5.47 16.43 7.31
CA TRP A 260 5.19 16.18 5.90
C TRP A 260 3.78 15.65 5.66
N PRO A 261 3.36 14.63 6.41
CA PRO A 261 2.01 14.09 6.22
C PRO A 261 0.94 15.13 6.58
N ALA A 262 1.21 15.91 7.62
CA ALA A 262 0.29 16.93 8.08
C ALA A 262 0.04 18.02 7.05
N ILE A 263 1.10 18.52 6.41
CA ILE A 263 0.92 19.56 5.42
C ILE A 263 0.22 18.99 4.19
N SER A 264 0.45 17.71 3.93
CA SER A 264 -0.16 17.05 2.78
C SER A 264 -1.67 16.96 2.94
N ASP A 265 -2.12 16.52 4.12
CA ASP A 265 -3.56 16.41 4.36
C ASP A 265 -4.20 17.79 4.46
N ALA A 266 -3.43 18.76 4.94
CA ALA A 266 -3.93 20.13 5.05
C ALA A 266 -4.15 20.66 3.63
N VAL A 267 -3.19 20.40 2.75
CA VAL A 267 -3.31 20.84 1.38
C VAL A 267 -4.47 20.14 0.65
N LEU A 268 -4.64 18.84 0.88
CA LEU A 268 -5.73 18.13 0.23
C LEU A 268 -7.08 18.65 0.71
N ALA A 269 -7.25 18.78 2.03
CA ALA A 269 -8.51 19.25 2.59
C ALA A 269 -8.89 20.65 2.11
N GLU A 270 -7.90 21.53 1.93
CA GLU A 270 -8.18 22.88 1.50
C GLU A 270 -8.33 23.12 -0.01
N TYR A 271 -7.51 22.45 -0.82
CA TYR A 271 -7.57 22.65 -2.27
C TYR A 271 -8.29 21.60 -3.13
N THR A 272 -8.64 20.46 -2.54
CA THR A 272 -9.34 19.44 -3.32
C THR A 272 -10.73 19.97 -3.69
N LEU A 273 -11.04 19.97 -4.98
CA LEU A 273 -12.34 20.44 -5.45
C LEU A 273 -13.44 19.45 -5.09
N GLU A 274 -14.62 19.98 -4.80
CA GLU A 274 -15.76 19.13 -4.45
C GLU A 274 -16.19 18.29 -5.65
N THR B 2 -27.63 -15.95 -9.14
CA THR B 2 -27.59 -15.00 -10.28
C THR B 2 -26.71 -13.81 -9.94
N ALA B 3 -26.55 -13.53 -8.66
CA ALA B 3 -25.72 -12.42 -8.23
C ALA B 3 -24.24 -12.64 -8.51
N LEU B 4 -23.75 -13.85 -8.24
CA LEU B 4 -22.35 -14.14 -8.45
C LEU B 4 -21.92 -14.11 -9.91
N GLU B 5 -22.90 -14.23 -10.82
CA GLU B 5 -22.62 -14.23 -12.24
C GLU B 5 -21.95 -12.93 -12.71
N VAL B 6 -22.03 -11.89 -11.89
CA VAL B 6 -21.42 -10.62 -12.25
C VAL B 6 -19.90 -10.75 -12.36
N LEU B 7 -19.32 -11.76 -11.71
CA LEU B 7 -17.88 -11.96 -11.77
C LEU B 7 -17.35 -12.16 -13.18
N GLY B 8 -18.17 -12.76 -14.04
CA GLY B 8 -17.76 -13.00 -15.41
C GLY B 8 -17.45 -11.70 -16.15
N GLY B 9 -18.03 -10.60 -15.68
CA GLY B 9 -17.80 -9.32 -16.33
C GLY B 9 -16.71 -8.50 -15.69
N TRP B 10 -16.26 -8.92 -14.50
CA TRP B 10 -15.22 -8.21 -13.77
C TRP B 10 -13.91 -8.11 -14.57
N PRO B 11 -13.16 -7.02 -14.37
CA PRO B 11 -11.89 -6.82 -15.06
C PRO B 11 -10.75 -7.56 -14.34
N VAL B 12 -10.89 -8.88 -14.22
CA VAL B 12 -9.88 -9.70 -13.55
C VAL B 12 -9.56 -10.93 -14.41
N PRO B 13 -8.33 -11.45 -14.29
CA PRO B 13 -7.92 -12.63 -15.06
C PRO B 13 -8.63 -13.91 -14.61
N ALA B 14 -9.17 -13.89 -13.40
CA ALA B 14 -9.86 -15.05 -12.86
C ALA B 14 -10.53 -14.68 -11.55
N ALA B 15 -11.64 -15.36 -11.23
CA ALA B 15 -12.37 -15.11 -10.00
C ALA B 15 -13.25 -16.30 -9.61
N ALA B 16 -13.42 -16.48 -8.30
CA ALA B 16 -14.24 -17.54 -7.75
C ALA B 16 -14.94 -16.98 -6.53
N ALA B 17 -16.15 -17.45 -6.24
CA ALA B 17 -16.89 -16.95 -5.08
C ALA B 17 -17.98 -17.93 -4.63
N ALA B 18 -18.51 -17.69 -3.43
CA ALA B 18 -19.56 -18.52 -2.88
C ALA B 18 -20.34 -17.77 -1.80
N VAL B 19 -21.66 -17.97 -1.80
CA VAL B 19 -22.52 -17.37 -0.80
C VAL B 19 -22.72 -18.51 0.20
N ILE B 20 -22.53 -18.22 1.48
CA ILE B 20 -22.67 -19.25 2.51
C ILE B 20 -23.81 -18.94 3.47
N GLY B 21 -24.57 -19.98 3.84
CA GLY B 21 -25.65 -19.82 4.77
C GLY B 21 -25.40 -20.80 5.89
N PRO B 22 -26.21 -20.76 6.97
CA PRO B 22 -26.00 -21.68 8.09
C PRO B 22 -26.18 -23.16 7.71
N ALA B 23 -26.88 -23.40 6.59
CA ALA B 23 -27.13 -24.77 6.11
C ALA B 23 -26.07 -25.24 5.14
N GLY B 24 -25.30 -24.30 4.61
CA GLY B 24 -24.25 -24.64 3.66
C GLY B 24 -24.10 -23.58 2.58
N VAL B 25 -23.48 -23.98 1.48
CA VAL B 25 -23.25 -23.08 0.35
C VAL B 25 -24.51 -22.93 -0.49
N LEU B 26 -24.95 -21.68 -0.61
CA LEU B 26 -26.17 -21.35 -1.35
C LEU B 26 -25.94 -21.17 -2.84
N ALA B 27 -24.73 -20.79 -3.21
CA ALA B 27 -24.38 -20.57 -4.61
C ALA B 27 -22.86 -20.40 -4.72
N THR B 28 -22.32 -20.70 -5.89
CA THR B 28 -20.89 -20.56 -6.16
C THR B 28 -20.71 -20.07 -7.59
N HIS B 29 -19.47 -19.73 -7.91
CA HIS B 29 -19.12 -19.27 -9.25
C HIS B 29 -17.60 -19.43 -9.40
N GLY B 30 -17.14 -19.64 -10.63
CA GLY B 30 -15.70 -19.81 -10.85
C GLY B 30 -15.18 -21.12 -10.29
N ASP B 31 -13.86 -21.31 -10.33
CA ASP B 31 -13.24 -22.53 -9.83
C ASP B 31 -13.05 -22.46 -8.32
N THR B 32 -13.96 -23.08 -7.60
CA THR B 32 -13.93 -23.11 -6.14
C THR B 32 -12.74 -23.89 -5.57
N ALA B 33 -12.05 -24.64 -6.43
CA ALA B 33 -10.90 -25.43 -6.00
C ALA B 33 -9.57 -24.73 -6.27
N ARG B 34 -9.60 -23.63 -7.02
CA ARG B 34 -8.39 -22.89 -7.34
C ARG B 34 -7.75 -22.23 -6.11
N VAL B 35 -6.45 -22.39 -5.96
CA VAL B 35 -5.72 -21.80 -4.82
C VAL B 35 -5.36 -20.33 -5.10
N PHE B 36 -5.70 -19.44 -4.15
CA PHE B 36 -5.38 -18.02 -4.28
C PHE B 36 -4.54 -17.57 -3.09
N ALA B 37 -3.79 -16.49 -3.28
CA ALA B 37 -3.00 -15.93 -2.19
C ALA B 37 -4.01 -15.07 -1.44
N LEU B 38 -4.14 -15.27 -0.14
CA LEU B 38 -5.11 -14.53 0.67
C LEU B 38 -4.71 -13.13 1.10
N ALA B 39 -3.41 -12.84 1.10
CA ALA B 39 -2.92 -11.55 1.55
C ALA B 39 -3.54 -11.32 2.93
N SER B 40 -4.09 -10.14 3.20
CA SER B 40 -4.66 -9.90 4.52
C SER B 40 -5.83 -10.79 4.91
N VAL B 41 -6.44 -11.48 3.95
CA VAL B 41 -7.54 -12.37 4.30
C VAL B 41 -6.98 -13.46 5.23
N THR B 42 -5.65 -13.49 5.35
CA THR B 42 -4.96 -14.43 6.21
C THR B 42 -5.33 -14.14 7.67
N LYS B 43 -5.51 -12.87 8.00
CA LYS B 43 -5.87 -12.44 9.36
C LYS B 43 -6.95 -13.26 10.07
N PRO B 44 -8.15 -13.33 9.47
CA PRO B 44 -9.25 -14.10 10.07
C PRO B 44 -8.82 -15.50 10.48
N LEU B 45 -8.04 -16.16 9.64
CA LEU B 45 -7.56 -17.52 9.92
C LEU B 45 -6.63 -17.52 11.13
N VAL B 46 -5.66 -16.62 11.14
CA VAL B 46 -4.72 -16.55 12.25
C VAL B 46 -5.45 -16.12 13.53
N ALA B 47 -6.40 -15.20 13.39
CA ALA B 47 -7.16 -14.71 14.54
C ALA B 47 -7.91 -15.86 15.22
N ARG B 48 -8.56 -16.69 14.40
CA ARG B 48 -9.31 -17.82 14.93
C ARG B 48 -8.36 -18.78 15.63
N ALA B 49 -7.14 -18.91 15.12
CA ALA B 49 -6.17 -19.81 15.74
C ALA B 49 -5.81 -19.26 17.11
N ALA B 50 -5.67 -17.94 17.19
CA ALA B 50 -5.34 -17.29 18.45
C ALA B 50 -6.49 -17.46 19.43
N GLN B 51 -7.72 -17.39 18.92
CA GLN B 51 -8.90 -17.55 19.76
C GLN B 51 -8.92 -18.94 20.38
N VAL B 52 -8.52 -19.93 19.60
CA VAL B 52 -8.45 -21.31 20.08
C VAL B 52 -7.35 -21.44 21.12
N ALA B 53 -6.23 -20.76 20.88
CA ALA B 53 -5.09 -20.82 21.80
C ALA B 53 -5.51 -20.30 23.19
N VAL B 54 -6.32 -19.25 23.20
CA VAL B 54 -6.78 -18.69 24.45
C VAL B 54 -7.70 -19.67 25.16
N GLU B 55 -8.74 -20.13 24.47
CA GLU B 55 -9.69 -21.07 25.06
C GLU B 55 -9.01 -22.34 25.55
N GLU B 56 -7.89 -22.68 24.96
CA GLU B 56 -7.17 -23.87 25.37
C GLU B 56 -6.20 -23.55 26.51
N GLY B 57 -6.00 -22.26 26.75
CA GLY B 57 -5.13 -21.84 27.83
C GLY B 57 -3.71 -21.50 27.44
N VAL B 58 -3.38 -21.61 26.16
CA VAL B 58 -2.03 -21.30 25.69
C VAL B 58 -1.65 -19.88 26.13
N VAL B 59 -2.57 -18.95 25.97
CA VAL B 59 -2.35 -17.56 26.35
C VAL B 59 -3.69 -16.97 26.76
N ASN B 60 -3.68 -15.68 27.11
CA ASN B 60 -4.90 -14.98 27.50
C ASN B 60 -4.93 -13.66 26.77
N LEU B 61 -6.11 -13.08 26.62
CA LEU B 61 -6.25 -11.79 25.94
C LEU B 61 -5.53 -10.68 26.69
N ASP B 62 -5.23 -10.92 27.96
CA ASP B 62 -4.56 -9.95 28.82
C ASP B 62 -3.08 -10.27 28.95
N THR B 63 -2.67 -11.41 28.40
CA THR B 63 -1.28 -11.81 28.45
C THR B 63 -0.39 -10.78 27.76
N PRO B 64 0.64 -10.28 28.47
CA PRO B 64 1.55 -9.29 27.89
C PRO B 64 2.14 -9.80 26.58
N ALA B 65 2.08 -8.96 25.55
CA ALA B 65 2.60 -9.31 24.24
C ALA B 65 2.77 -8.05 23.41
N GLY B 66 3.96 -7.89 22.83
CA GLY B 66 4.23 -6.72 22.03
C GLY B 66 4.90 -5.64 22.85
N PRO B 67 4.81 -4.37 22.44
CA PRO B 67 5.43 -3.27 23.19
C PRO B 67 4.83 -3.10 24.59
N PRO B 68 5.60 -2.52 25.52
CA PRO B 68 5.15 -2.30 26.90
C PRO B 68 3.73 -1.74 26.97
N GLY B 69 2.85 -2.46 27.65
CA GLY B 69 1.48 -2.02 27.79
C GLY B 69 0.55 -2.74 26.82
N SER B 70 1.14 -3.51 25.91
CA SER B 70 0.35 -4.24 24.93
C SER B 70 0.14 -5.69 25.35
N THR B 71 -0.97 -6.27 24.92
CA THR B 71 -1.31 -7.65 25.24
C THR B 71 -1.71 -8.37 23.96
N VAL B 72 -2.22 -9.59 24.11
CA VAL B 72 -2.67 -10.37 22.96
C VAL B 72 -3.89 -9.70 22.35
N ARG B 73 -4.73 -9.10 23.18
CA ARG B 73 -5.93 -8.42 22.69
C ARG B 73 -5.57 -7.19 21.85
N HIS B 74 -4.52 -6.48 22.26
CA HIS B 74 -4.09 -5.29 21.52
C HIS B 74 -3.61 -5.68 20.13
N LEU B 75 -2.94 -6.82 20.07
CA LEU B 75 -2.42 -7.31 18.79
C LEU B 75 -3.58 -7.69 17.87
N LEU B 76 -4.55 -8.44 18.39
CA LEU B 76 -5.71 -8.88 17.62
C LEU B 76 -6.59 -7.71 17.16
N ALA B 77 -6.63 -6.64 17.96
CA ALA B 77 -7.45 -5.48 17.63
C ALA B 77 -6.65 -4.36 16.99
N HIS B 78 -5.37 -4.61 16.74
CA HIS B 78 -4.50 -3.62 16.11
C HIS B 78 -4.43 -2.31 16.91
N THR B 79 -4.14 -2.42 18.20
CA THR B 79 -4.01 -1.24 19.05
C THR B 79 -2.74 -1.32 19.89
N SER B 80 -1.84 -2.20 19.49
CA SER B 80 -0.58 -2.35 20.22
C SER B 80 0.31 -1.13 20.05
N GLY B 81 0.07 -0.38 18.97
CA GLY B 81 0.86 0.81 18.70
C GLY B 81 2.06 0.53 17.81
N LEU B 82 2.14 -0.69 17.29
CA LEU B 82 3.25 -1.07 16.41
C LEU B 82 3.06 -0.55 15.00
N ALA B 83 4.17 -0.42 14.27
CA ALA B 83 4.12 0.05 12.90
C ALA B 83 3.47 -1.07 12.07
N HIS B 85 4.44 -2.58 9.29
CA HIS B 85 5.37 -3.64 8.87
C HIS B 85 6.63 -3.79 9.71
N SER B 86 6.91 -2.81 10.56
CA SER B 86 8.11 -2.83 11.38
C SER B 86 7.78 -2.96 12.86
N ASP B 87 8.74 -3.41 13.65
CA ASP B 87 8.49 -3.58 15.08
C ASP B 87 8.53 -2.30 15.90
N GLN B 88 8.74 -1.16 15.24
CA GLN B 88 8.81 0.11 15.95
C GLN B 88 7.46 0.48 16.58
N ALA B 89 7.51 1.02 17.78
CA ALA B 89 6.31 1.45 18.50
C ALA B 89 6.07 2.91 18.17
N LEU B 90 4.99 3.18 17.43
CA LEU B 90 4.66 4.53 17.02
C LEU B 90 3.62 5.24 17.87
N ALA B 91 3.18 4.59 18.95
CA ALA B 91 2.18 5.20 19.83
C ALA B 91 1.91 4.32 21.04
N ARG B 92 1.32 4.92 22.06
CA ARG B 92 0.98 4.21 23.30
C ARG B 92 -0.14 3.22 22.99
N PRO B 93 0.01 1.96 23.42
CA PRO B 93 -1.01 0.95 23.16
C PRO B 93 -2.42 1.33 23.61
N GLY B 94 -3.38 1.27 22.67
CA GLY B 94 -4.76 1.60 22.98
C GLY B 94 -5.11 3.05 22.72
N THR B 95 -4.20 3.79 22.11
CA THR B 95 -4.42 5.20 21.82
C THR B 95 -5.08 5.42 20.46
N ARG B 96 -4.80 4.53 19.52
CA ARG B 96 -5.37 4.65 18.18
C ARG B 96 -5.41 3.31 17.46
N ARG B 97 -6.34 3.16 16.51
CA ARG B 97 -6.46 1.93 15.74
C ARG B 97 -5.43 1.96 14.61
N TYR B 99 -3.70 -0.52 11.96
CA TYR B 99 -3.60 -1.81 11.29
C TYR B 99 -2.15 -2.21 11.18
N SER B 100 -1.82 -3.42 11.61
CA SER B 100 -0.43 -3.86 11.58
C SER B 100 -0.18 -5.33 11.28
N ASN B 101 0.67 -5.58 10.29
CA ASN B 101 1.04 -6.95 9.96
C ASN B 101 1.98 -7.46 11.05
N TYR B 102 2.97 -6.63 11.40
CA TYR B 102 3.94 -7.04 12.42
C TYR B 102 3.23 -7.37 13.73
N GLY B 103 2.13 -6.68 14.00
CA GLY B 103 1.38 -6.95 15.21
C GLY B 103 0.92 -8.40 15.18
N PHE B 104 0.53 -8.86 14.01
CA PHE B 104 0.09 -10.25 13.86
C PHE B 104 1.26 -11.22 13.92
N THR B 105 2.46 -10.72 13.62
CA THR B 105 3.68 -11.52 13.66
C THR B 105 4.04 -11.75 15.11
N VAL B 106 3.88 -10.71 15.93
CA VAL B 106 4.18 -10.79 17.36
C VAL B 106 3.22 -11.79 17.99
N LEU B 107 1.95 -11.69 17.59
CA LEU B 107 0.90 -12.57 18.07
C LEU B 107 1.26 -14.02 17.77
N ALA B 108 1.61 -14.30 16.52
CA ALA B 108 1.97 -15.66 16.12
C ALA B 108 3.20 -16.13 16.90
N GLU B 109 4.09 -15.21 17.25
CA GLU B 109 5.28 -15.58 18.00
C GLU B 109 4.91 -15.91 19.45
N SER B 110 3.85 -15.30 19.97
CA SER B 110 3.44 -15.58 21.34
C SER B 110 2.76 -16.94 21.42
N VAL B 111 1.91 -17.25 20.44
CA VAL B 111 1.21 -18.52 20.42
C VAL B 111 2.17 -19.67 20.15
N GLN B 112 3.15 -19.42 19.29
CA GLN B 112 4.14 -20.44 18.95
C GLN B 112 5.04 -20.80 20.12
N ARG B 113 5.43 -19.79 20.89
CA ARG B 113 6.30 -20.01 22.03
C ARG B 113 5.60 -20.66 23.21
N GLU B 114 4.43 -20.14 23.57
CA GLU B 114 3.68 -20.68 24.70
C GLU B 114 3.07 -22.05 24.42
N SER B 115 3.00 -22.44 23.15
CA SER B 115 2.42 -23.74 22.81
C SER B 115 3.51 -24.75 22.45
N GLY B 116 4.67 -24.23 22.06
CA GLY B 116 5.77 -25.11 21.68
C GLY B 116 5.47 -25.76 20.34
N ILE B 117 4.62 -25.13 19.56
CA ILE B 117 4.25 -25.66 18.24
C ILE B 117 4.46 -24.62 17.15
N GLU B 118 5.09 -25.04 16.06
CA GLU B 118 5.35 -24.16 14.92
C GLU B 118 4.01 -23.57 14.52
N PHE B 119 3.91 -22.24 14.51
CA PHE B 119 2.65 -21.57 14.20
C PHE B 119 1.93 -22.10 12.96
N GLY B 120 2.69 -22.32 11.88
CA GLY B 120 2.08 -22.83 10.66
C GLY B 120 1.32 -24.10 10.98
N ARG B 121 1.98 -25.00 11.71
CA ARG B 121 1.39 -26.27 12.10
C ARG B 121 0.29 -26.06 13.12
N TYR B 122 0.47 -25.08 14.00
CA TYR B 122 -0.54 -24.80 15.01
C TYR B 122 -1.85 -24.39 14.35
N LEU B 123 -1.75 -23.48 13.38
CA LEU B 123 -2.92 -23.01 12.65
C LEU B 123 -3.66 -24.18 12.01
N THR B 124 -2.90 -25.10 11.43
CA THR B 124 -3.47 -26.27 10.77
C THR B 124 -4.22 -27.17 11.74
N GLU B 125 -3.62 -27.45 12.89
CA GLU B 125 -4.24 -28.32 13.89
C GLU B 125 -5.38 -27.63 14.64
N ALA B 126 -5.25 -26.33 14.85
CA ALA B 126 -6.25 -25.57 15.59
C ALA B 126 -7.49 -25.15 14.81
N VAL B 127 -7.36 -24.98 13.50
CA VAL B 127 -8.49 -24.55 12.69
C VAL B 127 -8.74 -25.33 11.42
N CYS B 128 -7.74 -25.34 10.53
CA CYS B 128 -7.88 -26.01 9.26
C CYS B 128 -8.20 -27.51 9.29
N GLU B 129 -7.34 -28.28 9.94
CA GLU B 129 -7.54 -29.72 10.05
C GLU B 129 -8.96 -30.03 10.57
N PRO B 130 -9.35 -29.43 11.71
CA PRO B 130 -10.67 -29.67 12.29
C PRO B 130 -11.86 -29.36 11.37
N LEU B 131 -11.73 -28.32 10.55
CA LEU B 131 -12.79 -27.93 9.64
C LEU B 131 -12.70 -28.61 8.27
N GLY B 132 -11.66 -29.39 8.06
CA GLY B 132 -11.50 -30.08 6.79
C GLY B 132 -10.91 -29.22 5.68
N VAL B 134 -8.23 -28.79 3.95
CA VAL B 134 -6.98 -29.42 3.58
C VAL B 134 -6.20 -28.74 2.46
N THR B 135 -6.70 -27.61 1.98
CA THR B 135 -6.00 -26.89 0.92
C THR B 135 -5.68 -25.47 1.37
N THR B 136 -5.66 -25.28 2.69
CA THR B 136 -5.36 -24.00 3.30
C THR B 136 -4.08 -24.13 4.11
N ARG B 137 -3.08 -23.33 3.77
CA ARG B 137 -1.83 -23.39 4.49
C ARG B 137 -1.19 -22.01 4.67
N LEU B 138 -0.32 -21.92 5.65
CA LEU B 138 0.39 -20.68 5.95
C LEU B 138 1.88 -20.98 6.03
N ASP B 139 2.62 -20.59 4.99
CA ASP B 139 4.05 -20.80 4.98
C ASP B 139 4.73 -19.47 5.28
N GLY B 140 5.88 -19.54 5.95
CA GLY B 140 6.61 -18.33 6.29
C GLY B 140 6.71 -18.12 7.78
N GLY B 141 6.03 -18.95 8.56
CA GLY B 141 6.08 -18.81 10.00
C GLY B 141 5.41 -17.52 10.45
N PRO B 142 5.61 -17.10 11.71
CA PRO B 142 5.02 -15.88 12.26
C PRO B 142 5.30 -14.63 11.44
N ALA B 143 6.46 -14.60 10.78
CA ALA B 143 6.84 -13.46 9.95
C ALA B 143 5.75 -13.12 8.94
N ALA B 144 5.04 -14.14 8.44
CA ALA B 144 4.00 -13.92 7.45
C ALA B 144 2.59 -14.15 8.03
N ALA B 145 2.49 -14.16 9.35
CA ALA B 145 1.21 -14.40 10.01
C ALA B 145 0.12 -13.40 9.62
N GLY B 146 0.49 -12.33 8.95
CA GLY B 146 -0.52 -11.37 8.57
C GLY B 146 -0.86 -11.35 7.09
N PHE B 147 -0.21 -12.20 6.30
CA PHE B 147 -0.49 -12.15 4.88
C PHE B 147 -0.09 -13.34 4.02
N GLY B 148 0.67 -14.27 4.59
CA GLY B 148 1.14 -15.42 3.82
C GLY B 148 0.28 -16.65 3.62
N ALA B 149 -0.99 -16.61 3.97
CA ALA B 149 -1.79 -17.81 3.77
C ALA B 149 -2.29 -17.93 2.32
N THR B 150 -2.61 -19.17 1.94
CA THR B 150 -3.15 -19.46 0.62
C THR B 150 -4.31 -20.40 0.89
N SER B 151 -5.37 -20.28 0.09
CA SER B 151 -6.53 -21.14 0.26
C SER B 151 -7.41 -21.15 -0.99
N THR B 152 -8.63 -21.67 -0.84
CA THR B 152 -9.58 -21.77 -1.93
C THR B 152 -10.96 -21.32 -1.45
N VAL B 153 -11.86 -21.06 -2.38
CA VAL B 153 -13.20 -20.62 -1.99
C VAL B 153 -13.90 -21.73 -1.21
N ALA B 154 -13.65 -22.98 -1.58
CA ALA B 154 -14.26 -24.13 -0.90
C ALA B 154 -13.87 -24.16 0.59
N ASP B 155 -12.58 -24.04 0.87
CA ASP B 155 -12.10 -24.04 2.25
C ASP B 155 -12.60 -22.82 3.02
N LEU B 156 -12.61 -21.66 2.38
CA LEU B 156 -13.09 -20.45 3.05
C LEU B 156 -14.59 -20.46 3.24
N ALA B 157 -15.29 -21.22 2.39
CA ALA B 157 -16.75 -21.32 2.49
C ALA B 157 -17.05 -22.12 3.76
N VAL B 158 -16.19 -23.11 4.04
CA VAL B 158 -16.33 -23.93 5.23
C VAL B 158 -15.95 -23.08 6.44
N PHE B 159 -14.90 -22.27 6.30
CA PHE B 159 -14.45 -21.40 7.37
C PHE B 159 -15.56 -20.39 7.67
N ALA B 160 -16.20 -19.89 6.61
CA ALA B 160 -17.29 -18.94 6.77
C ALA B 160 -18.42 -19.58 7.57
N GLY B 161 -18.60 -20.89 7.38
CA GLY B 161 -19.63 -21.60 8.10
C GLY B 161 -19.33 -21.60 9.60
N ASP B 162 -18.06 -21.68 9.95
CA ASP B 162 -17.66 -21.67 11.36
C ASP B 162 -17.87 -20.27 11.91
N LEU B 163 -17.86 -19.28 11.04
CA LEU B 163 -18.06 -17.88 11.43
C LEU B 163 -19.54 -17.55 11.58
N LEU B 164 -20.39 -18.38 10.97
CA LEU B 164 -21.84 -18.20 11.06
C LEU B 164 -22.36 -19.04 12.22
N ARG B 165 -21.70 -20.17 12.46
CA ARG B 165 -22.06 -21.07 13.56
C ARG B 165 -20.79 -21.60 14.19
N PRO B 166 -20.28 -20.90 15.22
CA PRO B 166 -19.04 -21.29 15.90
C PRO B 166 -18.95 -22.73 16.42
N SER B 167 -17.90 -23.42 15.98
CA SER B 167 -17.62 -24.78 16.39
C SER B 167 -16.17 -24.86 16.81
N THR B 168 -15.35 -24.03 16.18
CA THR B 168 -13.91 -23.99 16.46
C THR B 168 -13.69 -23.42 17.85
N VAL B 169 -14.57 -22.51 18.24
CA VAL B 169 -14.50 -21.88 19.55
C VAL B 169 -15.88 -21.82 20.17
N SER B 170 -15.93 -21.53 21.47
CA SER B 170 -17.19 -21.43 22.18
C SER B 170 -18.02 -20.28 21.62
N ALA B 171 -19.33 -20.34 21.85
CA ALA B 171 -20.22 -19.29 21.40
C ALA B 171 -19.84 -17.98 22.07
N GLN B 172 -19.24 -18.08 23.26
CA GLN B 172 -18.84 -16.89 24.00
C GLN B 172 -17.65 -16.21 23.35
N HIS B 174 -16.64 -16.53 20.28
CA HIS B 174 -17.07 -15.97 19.01
C HIS B 174 -17.79 -14.65 19.22
N ALA B 175 -18.61 -14.58 20.26
CA ALA B 175 -19.37 -13.37 20.55
C ALA B 175 -18.44 -12.20 20.87
N ASP B 176 -17.37 -12.47 21.60
CA ASP B 176 -16.42 -11.44 21.97
C ASP B 176 -15.52 -11.09 20.78
N ALA B 177 -15.17 -12.10 19.98
CA ALA B 177 -14.32 -11.91 18.81
C ALA B 177 -15.03 -11.03 17.80
N THR B 178 -16.35 -11.14 17.74
CA THR B 178 -17.13 -10.35 16.82
C THR B 178 -17.61 -9.03 17.43
N THR B 179 -17.09 -8.71 18.60
CA THR B 179 -17.45 -7.46 19.29
C THR B 179 -16.29 -6.48 19.23
N VAL B 180 -16.60 -5.21 19.07
CA VAL B 180 -15.56 -4.18 18.98
C VAL B 180 -14.67 -4.15 20.22
N GLN B 181 -13.36 -4.21 19.99
CA GLN B 181 -12.38 -4.16 21.05
C GLN B 181 -11.78 -2.75 21.01
N PHE B 182 -11.66 -2.12 22.17
CA PHE B 182 -11.15 -0.75 22.26
C PHE B 182 -11.98 0.17 21.35
N PRO B 183 -13.27 0.34 21.66
CA PRO B 183 -14.19 1.18 20.88
C PRO B 183 -13.85 2.66 20.89
N GLY B 184 -14.43 3.40 19.95
CA GLY B 184 -14.23 4.83 19.85
C GLY B 184 -12.87 5.24 19.31
N LEU B 185 -12.09 4.29 18.84
CA LEU B 185 -10.77 4.60 18.29
C LEU B 185 -10.76 4.84 16.79
N ASP B 186 -10.22 5.97 16.37
CA ASP B 186 -10.14 6.29 14.95
C ASP B 186 -8.92 5.63 14.35
N GLY B 187 -8.87 5.56 13.03
CA GLY B 187 -7.74 4.95 12.36
C GLY B 187 -7.96 4.76 10.87
N VAL B 188 -6.86 4.47 10.17
CA VAL B 188 -6.92 4.25 8.73
C VAL B 188 -7.22 2.80 8.39
N LEU B 189 -8.06 2.63 7.37
CA LEU B 189 -8.39 1.31 6.86
C LEU B 189 -7.74 1.38 5.49
N PRO B 190 -6.57 0.71 5.34
CA PRO B 190 -5.82 0.69 4.08
C PRO B 190 -6.71 0.62 2.84
N GLY B 191 -6.55 1.62 1.97
CA GLY B 191 -7.34 1.66 0.76
C GLY B 191 -8.62 2.45 0.91
N TYR B 192 -9.01 2.74 2.15
CA TYR B 192 -10.23 3.49 2.41
C TYR B 192 -10.05 4.71 3.31
N GLY B 193 -8.84 5.27 3.34
CA GLY B 193 -8.56 6.43 4.15
C GLY B 193 -8.83 6.23 5.63
N VAL B 194 -8.96 7.32 6.37
CA VAL B 194 -9.21 7.24 7.81
C VAL B 194 -10.68 7.01 8.09
N GLN B 195 -10.95 6.17 9.08
CA GLN B 195 -12.31 5.86 9.47
C GLN B 195 -12.51 6.33 10.89
N ARG B 196 -13.64 6.99 11.14
CA ARG B 196 -13.93 7.49 12.48
C ARG B 196 -15.33 7.06 12.92
N PRO B 197 -15.42 6.00 13.74
CA PRO B 197 -14.30 5.22 14.25
C PRO B 197 -13.90 4.11 13.27
N ASN B 198 -12.87 3.34 13.63
CA ASN B 198 -12.39 2.23 12.79
C ASN B 198 -12.46 0.96 13.64
N ASP B 199 -13.69 0.58 13.98
CA ASP B 199 -13.97 -0.60 14.79
C ASP B 199 -13.30 -1.90 14.34
N TRP B 200 -12.87 -2.69 15.31
CA TRP B 200 -12.21 -3.95 15.04
C TRP B 200 -12.47 -4.94 16.19
N GLY B 201 -12.66 -6.20 15.85
CA GLY B 201 -12.89 -7.21 16.86
C GLY B 201 -11.57 -7.87 17.22
N LEU B 202 -11.62 -9.16 17.52
CA LEU B 202 -10.42 -9.91 17.86
C LEU B 202 -9.83 -10.55 16.61
N GLY B 203 -9.28 -9.74 15.72
CA GLY B 203 -8.69 -10.26 14.49
C GLY B 203 -9.59 -10.09 13.29
N PHE B 204 -10.88 -9.86 13.55
CA PHE B 204 -11.85 -9.64 12.50
C PHE B 204 -12.13 -8.15 12.40
N GLU B 205 -12.25 -7.62 11.19
CA GLU B 205 -12.57 -6.20 11.07
C GLU B 205 -14.08 -6.12 11.24
N ILE B 206 -14.56 -4.99 11.75
CA ILE B 206 -15.99 -4.77 11.94
C ILE B 206 -16.43 -3.58 11.11
N ARG B 207 -17.41 -3.80 10.22
CA ARG B 207 -17.92 -2.77 9.34
C ARG B 207 -18.45 -1.56 10.08
N ASN B 208 -19.50 -1.82 10.86
CA ASN B 208 -20.18 -0.79 11.62
C ASN B 208 -20.81 0.18 10.63
N SER B 209 -20.27 1.39 10.53
CA SER B 209 -20.82 2.38 9.63
C SER B 209 -19.76 3.06 8.77
N LYS B 210 -18.64 2.38 8.57
CA LYS B 210 -17.55 2.93 7.78
C LYS B 210 -17.99 3.26 6.36
N SER B 211 -17.42 4.33 5.80
CA SER B 211 -17.74 4.78 4.46
C SER B 211 -16.67 5.75 3.99
N PRO B 212 -16.08 5.51 2.81
CA PRO B 212 -16.38 4.37 1.93
C PRO B 212 -15.90 3.07 2.56
N HIS B 213 -16.34 1.94 2.00
CA HIS B 213 -15.97 0.63 2.52
C HIS B 213 -16.03 -0.43 1.41
N TRP B 214 -15.47 -1.61 1.65
CA TRP B 214 -15.48 -2.68 0.66
C TRP B 214 -16.76 -3.52 0.68
N THR B 215 -17.46 -3.54 1.82
CA THR B 215 -18.71 -4.29 1.95
C THR B 215 -19.86 -3.56 1.25
N GLY B 216 -21.05 -4.15 1.34
CA GLY B 216 -22.21 -3.56 0.71
C GLY B 216 -22.89 -2.47 1.53
N GLU B 217 -23.48 -1.51 0.82
CA GLU B 217 -24.19 -0.40 1.45
C GLU B 217 -25.23 -0.94 2.41
N CYS B 218 -25.79 -2.10 2.07
CA CYS B 218 -26.83 -2.70 2.89
C CYS B 218 -26.34 -3.70 3.93
N ASN B 219 -25.02 -3.89 4.02
CA ASN B 219 -24.48 -4.82 5.01
C ASN B 219 -24.71 -4.22 6.39
N SER B 220 -25.17 -5.05 7.33
CA SER B 220 -25.42 -4.58 8.69
C SER B 220 -24.14 -4.00 9.31
N THR B 221 -24.30 -3.30 10.42
CA THR B 221 -23.17 -2.70 11.11
C THR B 221 -22.41 -3.78 11.89
N ARG B 222 -23.05 -4.93 12.07
CA ARG B 222 -22.43 -6.03 12.79
C ARG B 222 -21.60 -6.90 11.83
N THR B 223 -21.65 -6.59 10.55
CA THR B 223 -20.90 -7.34 9.55
C THR B 223 -19.41 -7.31 9.84
N PHE B 224 -18.78 -8.49 9.89
CA PHE B 224 -17.35 -8.57 10.14
C PHE B 224 -16.68 -9.42 9.07
N GLY B 225 -15.34 -9.45 9.08
CA GLY B 225 -14.61 -10.22 8.10
C GLY B 225 -13.25 -9.62 7.80
N HIS B 226 -12.92 -9.48 6.52
CA HIS B 226 -11.62 -8.93 6.14
C HIS B 226 -11.44 -8.92 4.62
N PHE B 227 -10.69 -7.96 4.10
CA PHE B 227 -10.42 -7.96 2.68
C PHE B 227 -8.91 -7.94 2.54
N GLY B 228 -8.41 -8.20 1.33
CA GLY B 228 -6.98 -8.23 1.13
C GLY B 228 -6.55 -7.52 -0.13
N GLN B 229 -5.30 -7.08 -0.15
CA GLN B 229 -4.76 -6.38 -1.30
C GLN B 229 -4.55 -7.31 -2.48
N SER B 230 -4.68 -8.61 -2.24
CA SER B 230 -4.51 -9.59 -3.30
C SER B 230 -5.77 -9.66 -4.16
N GLY B 231 -6.79 -8.89 -3.76
CA GLY B 231 -8.03 -8.86 -4.52
C GLY B 231 -9.10 -9.81 -4.05
N GLY B 232 -9.17 -10.01 -2.74
CA GLY B 232 -10.17 -10.92 -2.19
C GLY B 232 -10.72 -10.44 -0.86
N PHE B 233 -11.85 -11.02 -0.46
CA PHE B 233 -12.48 -10.65 0.80
C PHE B 233 -13.47 -11.69 1.28
N ILE B 234 -13.88 -11.53 2.54
CA ILE B 234 -14.87 -12.38 3.15
C ILE B 234 -15.58 -11.59 4.26
N TRP B 235 -16.91 -11.54 4.19
CA TRP B 235 -17.66 -10.89 5.25
C TRP B 235 -18.77 -11.81 5.72
N VAL B 236 -19.13 -11.65 6.99
CA VAL B 236 -20.16 -12.44 7.60
C VAL B 236 -21.12 -11.44 8.21
N ASP B 237 -22.37 -11.48 7.77
CA ASP B 237 -23.39 -10.57 8.27
C ASP B 237 -24.29 -11.38 9.18
N PRO B 238 -24.06 -11.31 10.50
CA PRO B 238 -24.88 -12.06 11.46
C PRO B 238 -26.35 -11.65 11.44
N LYS B 239 -26.62 -10.44 10.98
CA LYS B 239 -27.99 -9.94 10.90
C LYS B 239 -28.70 -10.58 9.70
N ALA B 240 -28.01 -10.65 8.56
CA ALA B 240 -28.57 -11.27 7.36
C ALA B 240 -28.31 -12.76 7.40
N ASP B 241 -27.58 -13.19 8.42
CA ASP B 241 -27.24 -14.59 8.62
C ASP B 241 -26.65 -15.19 7.34
N LEU B 242 -25.91 -14.37 6.61
CA LEU B 242 -25.27 -14.75 5.35
C LEU B 242 -23.78 -14.41 5.37
N ALA B 243 -23.01 -15.09 4.53
CA ALA B 243 -21.58 -14.84 4.42
C ALA B 243 -21.21 -14.85 2.94
N LEU B 244 -20.20 -14.08 2.57
CA LEU B 244 -19.76 -14.01 1.17
C LEU B 244 -18.24 -14.09 1.05
N VAL B 245 -17.77 -14.97 0.16
CA VAL B 245 -16.34 -15.11 -0.09
C VAL B 245 -16.09 -14.85 -1.56
N VAL B 246 -15.11 -13.99 -1.84
CA VAL B 246 -14.75 -13.66 -3.20
C VAL B 246 -13.23 -13.58 -3.30
N LEU B 247 -12.66 -14.31 -4.25
CA LEU B 247 -11.23 -14.32 -4.46
C LEU B 247 -10.98 -14.08 -5.95
N THR B 248 -10.07 -13.15 -6.26
CA THR B 248 -9.74 -12.83 -7.65
C THR B 248 -8.24 -12.81 -7.83
N ALA B 249 -7.80 -12.87 -9.09
CA ALA B 249 -6.38 -12.86 -9.41
C ALA B 249 -5.88 -11.46 -9.78
N ARG B 250 -6.45 -10.44 -9.15
CA ARG B 250 -6.02 -9.07 -9.42
C ARG B 250 -5.90 -8.29 -8.12
N ASP B 251 -4.73 -7.71 -7.88
CA ASP B 251 -4.54 -6.95 -6.65
C ASP B 251 -5.59 -5.87 -6.48
N PHE B 252 -5.98 -5.63 -5.23
CA PHE B 252 -6.97 -4.63 -4.90
C PHE B 252 -6.58 -3.29 -5.53
N GLY B 253 -7.58 -2.58 -6.03
CA GLY B 253 -7.33 -1.29 -6.66
C GLY B 253 -8.65 -0.58 -6.85
N ASP B 254 -8.63 0.57 -7.53
CA ASP B 254 -9.85 1.31 -7.77
C ASP B 254 -10.90 0.48 -8.50
N TRP B 255 -10.45 -0.46 -9.35
CA TRP B 255 -11.36 -1.31 -10.11
C TRP B 255 -12.41 -1.99 -9.23
N ALA B 256 -12.09 -2.23 -7.97
CA ALA B 256 -12.98 -2.91 -7.05
C ALA B 256 -13.84 -1.99 -6.18
N LEU B 257 -13.47 -0.72 -6.12
CA LEU B 257 -14.17 0.26 -5.31
C LEU B 257 -15.70 0.20 -5.37
N ASP B 258 -16.25 0.09 -6.58
CA ASP B 258 -17.70 0.01 -6.74
C ASP B 258 -18.20 -1.42 -6.94
N LEU B 259 -17.40 -2.24 -7.60
CA LEU B 259 -17.80 -3.63 -7.85
C LEU B 259 -18.02 -4.45 -6.59
N TRP B 260 -17.13 -4.34 -5.63
CA TRP B 260 -17.27 -5.11 -4.40
C TRP B 260 -18.53 -4.79 -3.60
N PRO B 261 -18.83 -3.50 -3.40
CA PRO B 261 -20.04 -3.17 -2.65
C PRO B 261 -21.30 -3.60 -3.42
N ALA B 262 -21.25 -3.50 -4.74
CA ALA B 262 -22.39 -3.88 -5.59
C ALA B 262 -22.76 -5.35 -5.49
N ILE B 263 -21.76 -6.22 -5.66
CA ILE B 263 -22.02 -7.64 -5.60
C ILE B 263 -22.51 -8.01 -4.20
N SER B 264 -21.97 -7.34 -3.19
CA SER B 264 -22.38 -7.61 -1.81
C SER B 264 -23.85 -7.29 -1.59
N ASP B 265 -24.30 -6.15 -2.10
CA ASP B 265 -25.70 -5.80 -1.95
C ASP B 265 -26.57 -6.72 -2.80
N ALA B 266 -26.07 -7.12 -3.97
CA ALA B 266 -26.82 -8.02 -4.83
C ALA B 266 -27.01 -9.36 -4.12
N VAL B 267 -25.94 -9.87 -3.54
CA VAL B 267 -26.01 -11.15 -2.82
C VAL B 267 -26.98 -11.05 -1.66
N LEU B 268 -26.88 -9.96 -0.90
CA LEU B 268 -27.76 -9.74 0.24
C LEU B 268 -29.23 -9.69 -0.16
N ALA B 269 -29.52 -8.96 -1.23
CA ALA B 269 -30.89 -8.82 -1.71
C ALA B 269 -31.44 -10.13 -2.26
N GLU B 270 -30.56 -10.95 -2.81
CA GLU B 270 -30.99 -12.21 -3.41
C GLU B 270 -31.10 -13.38 -2.44
N TYR B 271 -30.13 -13.53 -1.55
CA TYR B 271 -30.12 -14.64 -0.61
C TYR B 271 -30.47 -14.28 0.83
N THR B 272 -30.84 -13.03 1.05
CA THR B 272 -31.20 -12.59 2.40
C THR B 272 -32.18 -13.56 3.05
N LEU B 273 -31.71 -14.24 4.10
CA LEU B 273 -32.53 -15.20 4.82
C LEU B 273 -33.97 -14.72 5.03
#